data_7O21
#
_entry.id   7O21
#
_cell.length_a   49.189
_cell.length_b   100.631
_cell.length_c   62.279
_cell.angle_alpha   90.000
_cell.angle_beta   108.070
_cell.angle_gamma   90.000
#
_symmetry.space_group_name_H-M   'P 1 21 1'
#
loop_
_entity.id
_entity.type
_entity.pdbx_description
1 polymer 'Uncharacterized conserved'
2 non-polymer 'BROMIDE ION'
3 non-polymer 'THIOCYANATE ION'
4 non-polymer 1,2-ETHANEDIOL
5 non-polymer DI(HYDROXYETHYL)ETHER
6 water water
#
_entity_poly.entity_id   1
_entity_poly.type   'polypeptide(L)'
_entity_poly.pdbx_seq_one_letter_code
;ALFALSLPVLAGPAVTPSSQIETDLLPASLLQISETEAFSRYVILVDKEQRKLSVFERNGEQIQKITEYPADIGKMGGNK
TKRDDHKTPEGIYFLQERLSQPKIPFSLYGALAFTTNYPNLFDKRENKTGSGIWLHAIPDSVPLTRGSRGCVVVRNDVIK
KLADYIKLGETPILIFDHVNYVSKSEHDKRRQDLSRFVESWRQAWENQDIEKYQTFYDEGFKAPGFNYKSWMSHKKNLKS
KYEYIKVHLSQPYIVQHNDQLLVKTLQRYESDKHVDYGVKTIYALKSGDTYKIIREEWAPFSQQEVAAAIARENSMTASS
QKTQ
;
_entity_poly.pdbx_strand_id   A,B
#
loop_
_chem_comp.id
_chem_comp.type
_chem_comp.name
_chem_comp.formula
BR non-polymer 'BROMIDE ION' 'Br -1'
EDO non-polymer 1,2-ETHANEDIOL 'C2 H6 O2'
PEG non-polymer DI(HYDROXYETHYL)ETHER 'C4 H10 O3'
SCN non-polymer 'THIOCYANATE ION' 'C N S -1'
#
# COMPACT_ATOMS: atom_id res chain seq x y z
N ASP A 24 11.08 -4.32 35.35
CA ASP A 24 10.18 -4.95 36.34
C ASP A 24 8.73 -4.80 35.86
N LEU A 25 8.32 -3.61 35.53
CA LEU A 25 6.95 -3.44 35.00
C LEU A 25 7.02 -3.59 33.47
N LEU A 26 5.88 -3.82 32.88
CA LEU A 26 5.78 -4.05 31.45
C LEU A 26 4.65 -3.22 30.87
N PRO A 27 4.75 -2.84 29.60
CA PRO A 27 3.69 -2.00 28.99
C PRO A 27 2.42 -2.81 28.78
N ALA A 28 1.30 -2.29 29.31
CA ALA A 28 0.04 -3.02 29.29
C ALA A 28 -0.45 -3.28 27.86
N SER A 29 -0.08 -2.42 26.92
CA SER A 29 -0.64 -2.51 25.58
C SER A 29 0.07 -3.49 24.66
N LEU A 30 1.32 -3.86 24.96
CA LEU A 30 2.05 -4.81 24.14
C LEU A 30 1.99 -6.14 24.87
N LEU A 31 1.07 -7.01 24.44
CA LEU A 31 0.81 -8.23 25.20
C LEU A 31 1.62 -9.44 24.74
N GLN A 32 1.95 -9.55 23.46
CA GLN A 32 2.68 -10.72 22.97
C GLN A 32 3.30 -10.37 21.63
N ILE A 33 4.48 -10.95 21.35
CA ILE A 33 5.15 -10.83 20.06
C ILE A 33 5.06 -12.18 19.35
N SER A 34 4.84 -12.15 18.04
CA SER A 34 4.60 -13.40 17.34
C SER A 34 5.88 -14.25 17.32
N GLU A 35 5.69 -15.57 17.39
CA GLU A 35 6.81 -16.50 17.26
C GLU A 35 7.28 -16.66 15.82
N THR A 36 6.52 -16.16 14.84
CA THR A 36 6.80 -16.44 13.44
C THR A 36 8.03 -15.63 12.97
N GLU A 37 9.08 -16.33 12.54
CA GLU A 37 10.33 -15.66 12.23
C GLU A 37 10.26 -14.83 10.94
N ALA A 38 9.28 -15.06 10.09
CA ALA A 38 9.07 -14.19 8.94
C ALA A 38 8.62 -12.80 9.36
N PHE A 39 8.12 -12.65 10.59
CA PHE A 39 7.75 -11.33 11.10
C PHE A 39 8.94 -10.81 11.88
N SER A 40 8.74 -9.91 12.84
CA SER A 40 9.84 -9.25 13.53
C SER A 40 9.85 -9.69 14.99
N ARG A 41 11.01 -10.13 15.47
CA ARG A 41 11.09 -10.45 16.89
C ARG A 41 11.19 -9.22 17.77
N TYR A 42 11.35 -8.04 17.18
CA TYR A 42 11.45 -6.79 17.91
C TYR A 42 10.21 -5.92 17.69
N VAL A 43 9.86 -5.13 18.71
CA VAL A 43 8.80 -4.14 18.65
C VAL A 43 9.35 -2.84 19.20
N ILE A 44 9.12 -1.73 18.52
CA ILE A 44 9.51 -0.41 19.01
C ILE A 44 8.29 0.24 19.67
N LEU A 45 8.48 0.78 20.88
CA LEU A 45 7.40 1.39 21.65
C LEU A 45 7.79 2.84 21.93
N VAL A 46 6.95 3.77 21.50
CA VAL A 46 7.19 5.20 21.70
C VAL A 46 6.21 5.72 22.75
N ASP A 47 6.74 6.31 23.81
CA ASP A 47 5.96 6.83 24.94
C ASP A 47 6.09 8.36 24.85
N LYS A 48 5.06 9.02 24.31
CA LYS A 48 5.14 10.46 24.10
C LYS A 48 5.31 11.21 25.41
N GLU A 49 4.56 10.80 26.44
CA GLU A 49 4.59 11.52 27.70
C GLU A 49 5.98 11.51 28.32
N GLN A 50 6.62 10.35 28.35
CA GLN A 50 7.95 10.21 28.93
C GLN A 50 9.07 10.57 27.97
N ARG A 51 8.76 10.87 26.70
CA ARG A 51 9.79 11.17 25.70
C ARG A 51 10.82 10.04 25.62
N LYS A 52 10.33 8.81 25.44
CA LYS A 52 11.20 7.65 25.42
C LYS A 52 10.77 6.69 24.31
N LEU A 53 11.76 6.07 23.68
CA LEU A 53 11.54 5.00 22.71
C LEU A 53 12.26 3.76 23.22
N SER A 54 11.53 2.65 23.31
CA SER A 54 12.08 1.41 23.83
C SER A 54 11.99 0.32 22.76
N VAL A 55 12.91 -0.63 22.84
CA VAL A 55 12.89 -1.82 22.00
C VAL A 55 12.56 -3.02 22.86
N PHE A 56 11.53 -3.76 22.48
CA PHE A 56 11.18 -5.01 23.15
C PHE A 56 11.46 -6.18 22.22
N GLU A 57 11.84 -7.31 22.80
CA GLU A 57 12.12 -8.54 22.07
C GLU A 57 11.25 -9.66 22.62
N ARG A 58 10.87 -10.57 21.72
CA ARG A 58 10.14 -11.76 22.12
C ARG A 58 11.01 -12.66 22.98
N ASN A 59 10.44 -13.17 24.05
CA ASN A 59 11.08 -14.18 24.90
C ASN A 59 10.00 -15.24 25.12
N GLY A 60 9.86 -16.15 24.15
CA GLY A 60 8.77 -17.11 24.20
C GLY A 60 7.44 -16.38 24.17
N GLU A 61 6.60 -16.67 25.16
CA GLU A 61 5.32 -15.98 25.33
C GLU A 61 5.48 -14.64 26.04
N GLN A 62 6.65 -14.36 26.57
CA GLN A 62 6.91 -13.12 27.29
C GLN A 62 7.56 -12.10 26.36
N ILE A 63 7.70 -10.88 26.87
CA ILE A 63 8.40 -9.81 26.18
C ILE A 63 9.47 -9.29 27.12
N GLN A 64 10.54 -8.75 26.56
CA GLN A 64 11.65 -8.25 27.37
C GLN A 64 12.15 -6.95 26.75
N LYS A 65 12.28 -5.92 27.58
CA LYS A 65 12.84 -4.66 27.10
C LYS A 65 14.35 -4.81 27.00
N ILE A 66 14.91 -4.48 25.83
CA ILE A 66 16.33 -4.64 25.61
C ILE A 66 17.09 -3.32 25.60
N THR A 67 16.45 -2.21 25.20
CA THR A 67 17.11 -0.92 25.22
C THR A 67 16.06 0.19 25.22
N GLU A 68 16.53 1.42 25.45
CA GLU A 68 15.65 2.58 25.58
C GLU A 68 16.47 3.84 25.32
N TYR A 69 15.87 4.79 24.61
CA TYR A 69 16.55 6.02 24.25
C TYR A 69 15.57 7.19 24.35
N PRO A 70 16.08 8.41 24.48
CA PRO A 70 15.19 9.57 24.36
C PRO A 70 14.58 9.67 22.97
N ALA A 71 13.36 10.21 22.93
CA ALA A 71 12.68 10.46 21.68
C ALA A 71 11.63 11.54 21.92
N ASP A 72 11.21 12.19 20.84
CA ASP A 72 10.14 13.18 20.96
C ASP A 72 9.34 13.16 19.67
N ILE A 73 8.24 13.93 19.66
CA ILE A 73 7.38 14.03 18.50
C ILE A 73 7.59 15.39 17.83
N GLY A 74 7.68 15.39 16.50
CA GLY A 74 7.82 16.65 15.79
C GLY A 74 6.57 17.49 15.93
N LYS A 75 6.78 18.82 15.93
CA LYS A 75 5.71 19.77 16.16
C LYS A 75 5.49 20.75 15.01
N MET A 76 6.26 20.65 13.94
CA MET A 76 6.28 21.68 12.91
C MET A 76 5.25 21.43 11.83
N GLY A 77 4.74 22.51 11.24
CA GLY A 77 3.83 22.43 10.12
C GLY A 77 2.54 21.71 10.40
N GLY A 78 2.04 21.78 11.64
CA GLY A 78 0.82 21.10 12.02
C GLY A 78 -0.44 21.76 11.48
N ASP A 84 -6.17 22.30 16.13
CA ASP A 84 -6.07 23.30 17.18
C ASP A 84 -5.89 22.64 18.55
N ASP A 85 -6.16 21.34 18.63
CA ASP A 85 -5.95 20.61 19.87
C ASP A 85 -4.47 20.31 20.14
N HIS A 86 -3.60 20.58 19.16
CA HIS A 86 -2.14 20.45 19.28
C HIS A 86 -1.68 19.02 19.47
N LYS A 87 -2.55 18.03 19.29
CA LYS A 87 -2.18 16.64 19.47
C LYS A 87 -1.77 16.01 18.14
N THR A 88 -1.13 14.86 18.23
CA THR A 88 -0.56 14.15 17.10
C THR A 88 -1.10 12.73 17.09
N PRO A 89 -1.08 12.05 15.93
CA PRO A 89 -1.65 10.71 15.88
C PRO A 89 -0.95 9.73 16.80
N GLU A 90 -1.74 8.80 17.33
CA GLU A 90 -1.22 7.66 18.07
C GLU A 90 -1.83 6.41 17.47
N GLY A 91 -1.10 5.31 17.53
CA GLY A 91 -1.63 4.08 16.98
C GLY A 91 -0.59 2.98 16.88
N ILE A 92 -0.97 1.95 16.13
CA ILE A 92 -0.27 0.69 16.07
C ILE A 92 0.18 0.54 14.62
N TYR A 93 1.47 0.74 14.36
CA TYR A 93 1.99 0.85 13.01
C TYR A 93 3.11 -0.16 12.77
N PHE A 94 3.55 -0.21 11.53
N PHE A 94 3.54 -0.25 11.52
CA PHE A 94 4.73 -1.03 11.22
CA PHE A 94 4.64 -1.13 11.07
C PHE A 94 5.61 -0.23 10.26
C PHE A 94 5.60 -0.26 10.24
N LEU A 95 6.89 -0.47 10.37
CA LEU A 95 7.88 0.27 9.58
C LEU A 95 8.03 -0.37 8.21
N GLN A 96 8.02 0.48 7.17
N GLN A 96 8.05 0.47 7.18
CA GLN A 96 7.98 -0.03 5.78
CA GLN A 96 7.99 -0.02 5.79
C GLN A 96 9.27 0.14 4.98
C GLN A 96 9.28 0.15 4.99
N GLU A 97 9.79 1.36 4.85
CA GLU A 97 10.95 1.60 4.00
C GLU A 97 12.00 2.38 4.78
N ARG A 98 13.26 2.19 4.37
CA ARG A 98 14.40 2.90 4.93
C ARG A 98 14.90 3.91 3.91
N LEU A 99 15.09 5.15 4.35
CA LEU A 99 15.51 6.24 3.48
C LEU A 99 16.72 6.92 4.08
N SER A 100 17.61 7.41 3.22
CA SER A 100 18.77 8.16 3.67
C SER A 100 19.15 9.16 2.59
N GLN A 101 20.27 9.85 2.81
CA GLN A 101 20.80 10.70 1.76
C GLN A 101 21.25 9.84 0.59
N PRO A 102 21.16 10.35 -0.65
CA PRO A 102 20.77 11.72 -1.01
C PRO A 102 19.28 11.87 -1.25
N LYS A 103 18.51 10.82 -1.00
CA LYS A 103 17.07 10.88 -1.25
C LYS A 103 16.38 11.88 -0.34
N ILE A 104 16.80 11.95 0.91
CA ILE A 104 16.15 12.85 1.86
C ILE A 104 17.14 13.79 2.52
N PRO A 105 16.74 15.02 2.82
CA PRO A 105 17.69 16.00 3.37
C PRO A 105 18.05 15.68 4.82
N PHE A 106 19.36 15.69 5.09
CA PHE A 106 19.85 15.58 6.47
C PHE A 106 19.31 16.69 7.35
N SER A 107 19.11 17.90 6.79
CA SER A 107 18.68 19.02 7.62
C SER A 107 17.33 18.75 8.27
N LEU A 108 16.49 17.94 7.62
CA LEU A 108 15.17 17.63 8.15
C LEU A 108 15.11 16.28 8.84
N TYR A 109 15.91 15.31 8.40
CA TYR A 109 15.72 13.92 8.78
C TYR A 109 16.96 13.29 9.39
N GLY A 110 18.05 14.04 9.50
CA GLY A 110 19.29 13.42 9.94
C GLY A 110 19.68 12.25 9.05
N ALA A 111 20.33 11.26 9.65
CA ALA A 111 21.02 10.25 8.88
C ALA A 111 20.09 9.20 8.28
N LEU A 112 18.90 9.01 8.82
CA LEU A 112 18.06 7.91 8.37
C LEU A 112 16.62 8.24 8.70
N ALA A 113 15.70 7.70 7.89
CA ALA A 113 14.28 7.75 8.20
C ALA A 113 13.68 6.39 7.88
N PHE A 114 12.68 6.01 8.65
CA PHE A 114 11.89 4.82 8.37
C PHE A 114 10.44 5.25 8.22
N THR A 115 9.82 4.86 7.12
CA THR A 115 8.43 5.22 6.91
C THR A 115 7.54 4.24 7.66
N THR A 116 6.28 4.63 7.84
CA THR A 116 5.29 3.77 8.46
C THR A 116 4.13 3.50 7.50
N ASN A 117 3.19 2.68 7.96
CA ASN A 117 1.96 2.43 7.22
C ASN A 117 0.84 3.39 7.64
N TYR A 118 1.15 4.47 8.35
CA TYR A 118 0.11 5.44 8.65
C TYR A 118 -0.40 6.07 7.36
N PRO A 119 -1.72 6.21 7.19
CA PRO A 119 -2.78 5.82 8.12
C PRO A 119 -3.14 4.33 7.98
N ASN A 120 -3.31 3.63 9.11
CA ASN A 120 -3.66 2.22 9.06
C ASN A 120 -5.17 2.07 8.94
N LEU A 121 -5.65 0.82 9.02
CA LEU A 121 -7.07 0.59 8.79
C LEU A 121 -7.94 1.21 9.87
N PHE A 122 -7.47 1.25 11.12
CA PHE A 122 -8.20 1.97 12.15
C PHE A 122 -8.33 3.44 11.79
N ASP A 123 -7.22 4.05 11.35
CA ASP A 123 -7.22 5.47 11.01
C ASP A 123 -8.13 5.76 9.84
N LYS A 124 -8.12 4.90 8.83
CA LYS A 124 -9.00 5.08 7.68
C LYS A 124 -10.47 5.00 8.06
N ARG A 125 -10.82 4.14 9.03
CA ARG A 125 -12.21 4.04 9.44
C ARG A 125 -12.67 5.32 10.13
N GLU A 126 -11.77 5.96 10.89
CA GLU A 126 -12.06 7.25 11.53
C GLU A 126 -12.04 8.40 10.53
N ASN A 127 -11.31 8.26 9.43
CA ASN A 127 -11.37 9.20 8.30
C ASN A 127 -11.00 10.63 8.69
N LYS A 128 -10.03 10.78 9.59
CA LYS A 128 -9.53 12.09 10.00
C LYS A 128 -8.01 12.12 9.93
N THR A 129 -7.48 11.64 8.81
CA THR A 129 -6.04 11.44 8.68
C THR A 129 -5.33 12.75 8.33
N GLY A 130 -4.09 12.85 8.78
CA GLY A 130 -3.29 14.03 8.54
C GLY A 130 -2.01 13.75 7.77
N SER A 131 -0.91 14.39 8.17
CA SER A 131 0.35 14.20 7.47
C SER A 131 0.99 12.87 7.88
N GLY A 132 1.90 12.39 7.03
CA GLY A 132 2.50 11.09 7.25
C GLY A 132 3.31 11.02 8.54
N ILE A 133 3.58 9.79 8.96
CA ILE A 133 4.36 9.53 10.17
C ILE A 133 5.59 8.73 9.75
N TRP A 134 6.77 9.26 10.10
CA TRP A 134 8.03 8.56 9.95
C TRP A 134 8.73 8.52 11.30
N LEU A 135 9.65 7.58 11.45
CA LEU A 135 10.64 7.59 12.52
C LEU A 135 11.95 8.07 11.90
N HIS A 136 12.49 9.18 12.39
CA HIS A 136 13.68 9.72 11.74
C HIS A 136 14.55 10.46 12.74
N ALA A 137 15.66 11.00 12.25
CA ALA A 137 16.58 11.75 13.09
C ALA A 137 16.57 13.22 12.68
N ILE A 138 17.57 13.94 13.11
CA ILE A 138 17.61 15.40 12.88
C ILE A 138 19.03 15.85 13.21
N PRO A 139 19.48 17.04 12.79
CA PRO A 139 20.82 17.46 13.15
C PRO A 139 20.96 17.55 14.68
N ASP A 140 22.18 17.31 15.09
CA ASP A 140 22.54 17.35 16.53
C ASP A 140 22.26 18.73 17.15
N SER A 141 22.40 19.83 16.40
CA SER A 141 22.21 21.19 16.92
C SER A 141 20.76 21.59 17.14
N VAL A 142 19.81 20.80 16.69
CA VAL A 142 18.42 21.29 16.84
C VAL A 142 17.58 20.36 17.72
N PRO A 143 16.50 20.87 18.29
CA PRO A 143 15.65 20.07 19.13
C PRO A 143 14.93 19.00 18.29
N LEU A 144 14.65 17.89 18.94
CA LEU A 144 13.89 16.82 18.31
C LEU A 144 12.53 17.30 17.81
N THR A 145 11.93 18.27 18.50
CA THR A 145 10.60 18.76 18.15
C THR A 145 10.60 19.62 16.88
N ARG A 146 11.76 19.89 16.29
CA ARG A 146 11.73 20.54 14.99
C ARG A 146 11.20 19.63 13.88
N GLY A 147 11.03 18.34 14.15
CA GLY A 147 10.45 17.45 13.15
C GLY A 147 9.04 17.86 12.76
N SER A 148 8.61 17.32 11.63
CA SER A 148 7.27 17.60 11.14
C SER A 148 6.25 16.95 12.06
N ARG A 149 5.07 17.57 12.13
CA ARG A 149 4.07 17.21 13.13
C ARG A 149 3.78 15.72 13.10
N GLY A 150 3.92 15.09 14.26
CA GLY A 150 3.55 13.71 14.42
C GLY A 150 4.64 12.70 14.18
N CYS A 151 5.77 13.09 13.59
CA CYS A 151 6.86 12.17 13.37
C CYS A 151 7.56 11.84 14.68
N VAL A 152 8.10 10.64 14.77
CA VAL A 152 8.92 10.25 15.92
C VAL A 152 10.37 10.60 15.59
N VAL A 153 11.00 11.42 16.42
CA VAL A 153 12.33 11.94 16.15
C VAL A 153 13.28 11.52 17.25
N VAL A 154 14.46 11.05 16.85
CA VAL A 154 15.52 10.62 17.74
C VAL A 154 16.83 11.23 17.24
N ARG A 155 17.86 11.07 18.03
CA ARG A 155 19.20 11.55 17.66
C ARG A 155 19.82 10.65 16.58
N ASN A 156 20.82 11.17 15.90
CA ASN A 156 21.50 10.43 14.80
C ASN A 156 22.13 9.13 15.31
N ASP A 157 22.75 9.17 16.48
CA ASP A 157 23.38 7.96 17.04
C ASP A 157 22.29 6.93 17.33
N VAL A 158 21.15 7.39 17.79
CA VAL A 158 20.06 6.47 18.13
C VAL A 158 19.48 5.83 16.89
N ILE A 159 19.24 6.61 15.83
CA ILE A 159 18.58 6.03 14.66
C ILE A 159 19.45 4.96 14.04
N LYS A 160 20.78 5.14 14.11
CA LYS A 160 21.70 4.12 13.59
C LYS A 160 21.67 2.84 14.43
N LYS A 161 21.53 2.96 15.75
CA LYS A 161 21.36 1.78 16.57
C LYS A 161 20.04 1.08 16.26
N LEU A 162 18.95 1.85 16.11
CA LEU A 162 17.65 1.22 15.88
C LEU A 162 17.60 0.48 14.56
N ALA A 163 18.38 0.93 13.57
CA ALA A 163 18.36 0.27 12.27
C ALA A 163 18.69 -1.21 12.40
N ASP A 164 19.50 -1.58 13.40
CA ASP A 164 19.85 -2.99 13.61
C ASP A 164 18.67 -3.83 14.05
N TYR A 165 17.61 -3.22 14.57
CA TYR A 165 16.46 -3.98 15.06
C TYR A 165 15.28 -3.96 14.10
N ILE A 166 15.36 -3.22 13.01
CA ILE A 166 14.18 -2.96 12.18
C ILE A 166 14.22 -3.86 10.95
N LYS A 167 13.19 -4.68 10.81
CA LYS A 167 12.98 -5.50 9.62
C LYS A 167 11.92 -4.81 8.79
N LEU A 168 12.31 -4.34 7.60
CA LEU A 168 11.39 -3.56 6.79
C LEU A 168 10.16 -4.38 6.43
N GLY A 169 8.99 -3.76 6.56
CA GLY A 169 7.74 -4.43 6.31
C GLY A 169 7.20 -5.22 7.47
N GLU A 170 7.97 -5.38 8.55
CA GLU A 170 7.57 -6.29 9.63
C GLU A 170 7.62 -5.69 11.02
N THR A 171 8.62 -4.86 11.33
CA THR A 171 8.77 -4.42 12.72
C THR A 171 7.67 -3.43 13.12
N PRO A 172 6.89 -3.71 14.16
CA PRO A 172 5.91 -2.72 14.64
C PRO A 172 6.58 -1.52 15.28
N ILE A 173 5.94 -0.37 15.12
CA ILE A 173 6.21 0.80 15.96
C ILE A 173 4.89 1.22 16.58
N LEU A 174 4.84 1.22 17.90
CA LEU A 174 3.65 1.57 18.67
C LEU A 174 3.86 2.99 19.17
N ILE A 175 3.00 3.90 18.76
CA ILE A 175 3.18 5.32 19.04
C ILE A 175 2.02 5.73 19.94
N PHE A 176 2.29 5.87 21.25
CA PHE A 176 1.24 6.03 22.23
C PHE A 176 1.46 7.33 23.00
N ASP A 177 0.39 8.12 23.17
CA ASP A 177 0.48 9.33 23.97
C ASP A 177 0.87 9.01 25.40
N HIS A 178 0.38 7.89 25.92
CA HIS A 178 0.63 7.48 27.29
C HIS A 178 0.94 5.99 27.26
N VAL A 179 1.72 5.52 28.24
CA VAL A 179 2.04 4.10 28.38
C VAL A 179 1.77 3.69 29.83
N ASN A 180 0.90 2.71 30.03
CA ASN A 180 0.57 2.20 31.36
C ASN A 180 1.44 0.99 31.65
N TYR A 181 2.35 1.11 32.62
CA TYR A 181 3.22 0.01 33.00
C TYR A 181 2.59 -0.76 34.16
N VAL A 182 2.49 -2.08 34.01
CA VAL A 182 1.83 -2.92 35.00
C VAL A 182 2.79 -4.03 35.44
N SER A 183 2.41 -4.70 36.54
CA SER A 183 3.22 -5.79 37.04
C SER A 183 3.23 -6.96 36.05
N LYS A 184 4.28 -7.77 36.15
CA LYS A 184 4.37 -8.96 35.30
C LYS A 184 3.15 -9.85 35.50
N SER A 185 2.66 -9.95 36.74
CA SER A 185 1.43 -10.70 37.00
C SER A 185 0.23 -10.13 36.25
N GLU A 186 0.02 -8.82 36.38
CA GLU A 186 -1.07 -8.18 35.68
C GLU A 186 -0.90 -8.31 34.17
N HIS A 187 0.34 -8.15 33.68
CA HIS A 187 0.60 -8.27 32.25
C HIS A 187 0.24 -9.66 31.74
N ASP A 188 0.68 -10.69 32.45
N ASP A 188 0.72 -10.70 32.44
CA ASP A 188 0.39 -12.06 32.03
CA ASP A 188 0.40 -12.07 32.07
C ASP A 188 -1.11 -12.33 32.08
C ASP A 188 -1.11 -12.28 32.05
N LYS A 189 -1.81 -11.78 33.07
CA LYS A 189 -3.25 -11.95 33.14
C LYS A 189 -3.91 -11.37 31.90
N ARG A 190 -3.54 -10.13 31.55
CA ARG A 190 -4.08 -9.50 30.35
C ARG A 190 -3.75 -10.28 29.10
N ARG A 191 -2.50 -10.77 28.99
CA ARG A 191 -2.12 -11.56 27.83
C ARG A 191 -2.98 -12.81 27.71
N GLN A 192 -3.19 -13.52 28.84
CA GLN A 192 -4.02 -14.73 28.80
C GLN A 192 -5.45 -14.40 28.44
N ASP A 193 -5.97 -13.28 28.95
CA ASP A 193 -7.34 -12.89 28.63
C ASP A 193 -7.51 -12.73 27.12
N LEU A 194 -6.58 -12.03 26.49
CA LEU A 194 -6.70 -11.81 25.05
C LEU A 194 -6.39 -13.10 24.27
N SER A 195 -5.44 -13.91 24.76
CA SER A 195 -5.20 -15.21 24.14
C SER A 195 -6.46 -16.06 24.15
N ARG A 196 -7.22 -16.02 25.25
CA ARG A 196 -8.45 -16.80 25.31
C ARG A 196 -9.50 -16.27 24.34
N PHE A 197 -9.57 -14.94 24.16
CA PHE A 197 -10.46 -14.38 23.15
C PHE A 197 -10.10 -14.90 21.76
N VAL A 198 -8.82 -14.83 21.39
CA VAL A 198 -8.39 -15.32 20.09
C VAL A 198 -8.70 -16.81 19.95
N GLU A 199 -8.46 -17.60 21.01
CA GLU A 199 -8.68 -19.03 20.90
C GLU A 199 -10.18 -19.34 20.78
N SER A 200 -11.02 -18.57 21.46
CA SER A 200 -12.47 -18.74 21.33
C SER A 200 -12.92 -18.49 19.90
N TRP A 201 -12.39 -17.43 19.26
CA TRP A 201 -12.68 -17.15 17.87
C TRP A 201 -12.18 -18.28 16.98
N ARG A 202 -10.93 -18.70 17.19
CA ARG A 202 -10.37 -19.79 16.39
C ARG A 202 -11.21 -21.05 16.50
N GLN A 203 -11.59 -21.43 17.73
CA GLN A 203 -12.38 -22.63 17.93
C GLN A 203 -13.75 -22.52 17.26
N ALA A 204 -14.39 -21.34 17.35
CA ALA A 204 -15.71 -21.18 16.74
C ALA A 204 -15.62 -21.31 15.22
N TRP A 205 -14.60 -20.70 14.63
CA TRP A 205 -14.39 -20.85 13.20
C TRP A 205 -14.12 -22.32 12.84
N GLU A 206 -13.18 -22.95 13.54
CA GLU A 206 -12.83 -24.34 13.24
C GLU A 206 -14.02 -25.29 13.40
N ASN A 207 -14.81 -25.10 14.45
CA ASN A 207 -16.04 -25.87 14.62
C ASN A 207 -17.10 -25.50 13.60
N GLN A 208 -16.87 -24.45 12.83
CA GLN A 208 -17.89 -23.89 11.95
C GLN A 208 -19.23 -23.72 12.69
N ASP A 209 -19.13 -23.20 13.91
CA ASP A 209 -20.28 -22.83 14.73
C ASP A 209 -20.61 -21.40 14.32
N ILE A 210 -21.50 -21.27 13.32
CA ILE A 210 -21.72 -19.95 12.73
C ILE A 210 -22.34 -19.00 13.73
N GLU A 211 -23.28 -19.49 14.55
CA GLU A 211 -23.87 -18.63 15.57
C GLU A 211 -22.79 -18.05 16.49
N LYS A 212 -21.89 -18.90 16.98
CA LYS A 212 -20.83 -18.42 17.85
C LYS A 212 -19.85 -17.52 17.08
N TYR A 213 -19.42 -17.98 15.90
CA TYR A 213 -18.45 -17.22 15.12
C TYR A 213 -18.94 -15.81 14.83
N GLN A 214 -20.23 -15.67 14.48
CA GLN A 214 -20.78 -14.35 14.15
C GLN A 214 -20.64 -13.36 15.29
N THR A 215 -20.68 -13.83 16.54
CA THR A 215 -20.64 -12.91 17.68
C THR A 215 -19.33 -12.14 17.74
N PHE A 216 -18.30 -12.60 17.03
CA PHE A 216 -16.99 -11.94 17.07
C PHE A 216 -16.88 -10.77 16.11
N TYR A 217 -17.88 -10.53 15.26
CA TYR A 217 -17.79 -9.60 14.15
C TYR A 217 -18.73 -8.41 14.32
N ASP A 218 -18.20 -7.22 14.05
CA ASP A 218 -19.03 -6.02 14.02
C ASP A 218 -19.88 -6.01 12.76
N GLU A 219 -21.11 -5.46 12.88
CA GLU A 219 -21.97 -5.43 11.70
C GLU A 219 -21.41 -4.52 10.60
N GLY A 220 -20.50 -3.62 10.93
CA GLY A 220 -19.84 -2.81 9.90
C GLY A 220 -18.54 -3.40 9.39
N PHE A 221 -18.33 -4.68 9.64
CA PHE A 221 -17.14 -5.39 9.19
C PHE A 221 -16.93 -5.19 7.69
N LYS A 222 -15.66 -5.09 7.30
CA LYS A 222 -15.30 -5.10 5.90
C LYS A 222 -13.99 -5.86 5.74
N ALA A 223 -13.85 -6.50 4.59
CA ALA A 223 -12.58 -7.05 4.14
C ALA A 223 -12.58 -6.91 2.63
N PRO A 224 -11.43 -7.02 1.97
CA PRO A 224 -11.44 -6.87 0.50
C PRO A 224 -12.44 -7.82 -0.14
N GLY A 225 -13.46 -7.26 -0.78
CA GLY A 225 -14.48 -8.07 -1.44
C GLY A 225 -15.65 -8.46 -0.58
N PHE A 226 -15.71 -8.03 0.68
CA PHE A 226 -16.74 -8.51 1.61
C PHE A 226 -17.30 -7.39 2.47
N ASN A 227 -18.55 -7.57 2.84
CA ASN A 227 -19.11 -6.93 4.04
C ASN A 227 -19.53 -8.05 5.00
N TYR A 228 -20.13 -7.65 6.12
CA TYR A 228 -20.58 -8.65 7.08
C TYR A 228 -21.47 -9.69 6.42
N LYS A 229 -22.47 -9.25 5.67
CA LYS A 229 -23.43 -10.21 5.13
C LYS A 229 -22.77 -11.18 4.15
N SER A 230 -21.94 -10.69 3.24
CA SER A 230 -21.34 -11.58 2.25
C SER A 230 -20.22 -12.40 2.85
N TRP A 231 -19.56 -11.90 3.89
CA TRP A 231 -18.58 -12.70 4.62
C TRP A 231 -19.25 -13.89 5.30
N MET A 232 -20.33 -13.63 6.03
CA MET A 232 -21.04 -14.71 6.70
C MET A 232 -21.67 -15.69 5.71
N SER A 233 -22.20 -15.18 4.59
N SER A 233 -22.21 -15.17 4.60
CA SER A 233 -22.78 -16.08 3.59
CA SER A 233 -22.79 -16.06 3.60
C SER A 233 -21.73 -16.99 3.01
C SER A 233 -21.73 -16.99 3.00
N HIS A 234 -20.54 -16.46 2.75
CA HIS A 234 -19.47 -17.28 2.21
C HIS A 234 -19.05 -18.35 3.21
N LYS A 235 -18.95 -17.97 4.50
CA LYS A 235 -18.59 -18.96 5.52
C LYS A 235 -19.65 -20.05 5.61
N LYS A 236 -20.93 -19.68 5.51
CA LYS A 236 -21.98 -20.69 5.56
C LYS A 236 -21.93 -21.60 4.32
N ASN A 237 -21.65 -21.02 3.15
CA ASN A 237 -21.55 -21.83 1.95
C ASN A 237 -20.39 -22.82 2.03
N LEU A 238 -19.24 -22.37 2.52
CA LEU A 238 -18.11 -23.28 2.69
C LEU A 238 -18.47 -24.40 3.64
N LYS A 239 -19.12 -24.07 4.75
CA LYS A 239 -19.54 -25.08 5.72
C LYS A 239 -20.42 -26.12 5.06
N SER A 240 -21.33 -25.70 4.17
CA SER A 240 -22.22 -26.66 3.53
C SER A 240 -21.45 -27.67 2.68
N LYS A 241 -20.30 -27.26 2.13
CA LYS A 241 -19.54 -28.09 1.21
C LYS A 241 -18.43 -28.88 1.87
N TYR A 242 -17.81 -28.35 2.93
CA TYR A 242 -16.65 -28.96 3.57
C TYR A 242 -16.97 -29.06 5.05
N GLU A 243 -17.34 -30.26 5.48
CA GLU A 243 -17.89 -30.45 6.83
C GLU A 243 -16.84 -30.17 7.91
N TYR A 244 -15.60 -30.62 7.70
CA TYR A 244 -14.58 -30.50 8.73
C TYR A 244 -13.40 -29.69 8.20
N ILE A 245 -13.00 -28.68 8.96
CA ILE A 245 -11.84 -27.87 8.65
C ILE A 245 -10.93 -27.81 9.86
N LYS A 246 -9.68 -27.39 9.61
CA LYS A 246 -8.68 -27.21 10.65
C LYS A 246 -8.12 -25.80 10.50
N VAL A 247 -8.06 -25.05 11.60
CA VAL A 247 -7.48 -23.72 11.61
C VAL A 247 -6.41 -23.69 12.70
N HIS A 248 -5.17 -23.45 12.32
CA HIS A 248 -4.06 -23.37 13.26
C HIS A 248 -3.40 -22.01 13.13
N LEU A 249 -3.08 -21.42 14.29
CA LEU A 249 -2.50 -20.08 14.35
C LEU A 249 -1.18 -20.16 15.09
N SER A 250 -0.13 -19.57 14.52
CA SER A 250 1.10 -19.42 15.27
C SER A 250 0.89 -18.43 16.42
N GLN A 251 1.76 -18.52 17.40
CA GLN A 251 1.67 -17.58 18.50
C GLN A 251 1.61 -16.16 17.94
N PRO A 252 0.56 -15.39 18.23
CA PRO A 252 0.37 -14.11 17.55
C PRO A 252 1.01 -12.93 18.25
N TYR A 253 1.14 -11.87 17.47
N TYR A 253 1.24 -11.87 17.44
CA TYR A 253 1.39 -10.54 17.98
CA TYR A 253 1.35 -10.52 17.99
C TYR A 253 0.03 -9.98 18.46
C TYR A 253 -0.02 -10.17 18.56
N ILE A 254 -0.02 -9.54 19.72
CA ILE A 254 -1.24 -9.01 20.32
C ILE A 254 -0.93 -7.63 20.88
N VAL A 255 -1.60 -6.61 20.36
CA VAL A 255 -1.52 -5.24 20.87
C VAL A 255 -2.93 -4.76 21.18
N GLN A 256 -3.12 -4.21 22.37
CA GLN A 256 -4.42 -3.67 22.78
C GLN A 256 -4.17 -2.31 23.39
N HIS A 257 -4.64 -1.26 22.73
CA HIS A 257 -4.44 0.10 23.19
C HIS A 257 -5.68 0.93 22.91
N ASN A 258 -6.13 1.70 23.90
CA ASN A 258 -7.34 2.54 23.78
C ASN A 258 -8.49 1.64 23.35
N ASP A 259 -9.18 1.95 22.27
CA ASP A 259 -10.31 1.14 21.81
C ASP A 259 -9.89 -0.02 20.91
N GLN A 260 -8.61 -0.16 20.60
CA GLN A 260 -8.16 -0.99 19.49
C GLN A 260 -7.53 -2.30 19.96
N LEU A 261 -7.75 -3.35 19.17
CA LEU A 261 -7.08 -4.64 19.34
C LEU A 261 -6.56 -5.07 17.98
N LEU A 262 -5.27 -5.41 17.92
CA LEU A 262 -4.64 -5.90 16.70
C LEU A 262 -4.00 -7.24 17.02
N VAL A 263 -4.34 -8.25 16.22
CA VAL A 263 -3.76 -9.60 16.34
C VAL A 263 -3.21 -9.97 14.98
N LYS A 264 -1.94 -10.42 14.94
CA LYS A 264 -1.35 -10.87 13.69
C LYS A 264 -0.68 -12.21 13.90
N THR A 265 -0.94 -13.16 13.00
CA THR A 265 -0.50 -14.54 13.16
C THR A 265 -0.24 -15.15 11.79
N LEU A 266 0.57 -16.22 11.76
CA LEU A 266 0.67 -17.09 10.61
C LEU A 266 -0.41 -18.18 10.73
N GLN A 267 -1.30 -18.24 9.77
CA GLN A 267 -2.49 -19.09 9.83
C GLN A 267 -2.39 -20.22 8.83
N ARG A 268 -2.64 -21.43 9.29
CA ARG A 268 -2.79 -22.59 8.42
C ARG A 268 -4.26 -22.97 8.38
N TYR A 269 -4.83 -23.00 7.18
CA TYR A 269 -6.23 -23.37 6.96
C TYR A 269 -6.27 -24.65 6.14
N GLU A 270 -7.04 -25.63 6.60
CA GLU A 270 -7.14 -26.90 5.89
C GLU A 270 -8.59 -27.36 5.79
N SER A 271 -9.01 -27.68 4.58
CA SER A 271 -10.19 -28.49 4.36
C SER A 271 -9.77 -29.74 3.58
N ASP A 272 -10.73 -30.62 3.30
CA ASP A 272 -10.38 -31.80 2.53
C ASP A 272 -9.89 -31.46 1.14
N LYS A 273 -10.18 -30.26 0.64
CA LYS A 273 -9.78 -29.87 -0.71
C LYS A 273 -8.40 -29.21 -0.76
N HIS A 274 -8.10 -28.29 0.15
N HIS A 274 -8.13 -28.22 0.09
CA HIS A 274 -6.86 -27.53 0.04
CA HIS A 274 -6.84 -27.54 0.04
C HIS A 274 -6.33 -27.17 1.43
C HIS A 274 -6.34 -27.19 1.42
N VAL A 275 -5.04 -26.92 1.47
CA VAL A 275 -4.35 -26.35 2.63
C VAL A 275 -3.70 -25.07 2.16
N ASP A 276 -3.82 -24.02 2.95
CA ASP A 276 -3.07 -22.80 2.66
C ASP A 276 -2.49 -22.20 3.93
N TYR A 277 -1.39 -21.48 3.76
CA TYR A 277 -0.73 -20.73 4.81
C TYR A 277 -0.75 -19.25 4.42
N GLY A 278 -1.00 -18.38 5.39
CA GLY A 278 -1.02 -16.97 5.06
C GLY A 278 -0.94 -16.14 6.31
N VAL A 279 -0.66 -14.86 6.11
CA VAL A 279 -0.55 -13.92 7.20
C VAL A 279 -1.96 -13.39 7.50
N LYS A 280 -2.43 -13.61 8.72
CA LYS A 280 -3.78 -13.20 9.13
C LYS A 280 -3.65 -12.05 10.11
N THR A 281 -4.23 -10.90 9.75
CA THR A 281 -4.28 -9.75 10.63
C THR A 281 -5.72 -9.42 10.94
N ILE A 282 -6.04 -9.33 12.23
CA ILE A 282 -7.38 -9.04 12.73
C ILE A 282 -7.36 -7.68 13.39
N TYR A 283 -8.29 -6.81 13.01
CA TYR A 283 -8.47 -5.49 13.61
C TYR A 283 -9.80 -5.51 14.32
N ALA A 284 -9.79 -5.18 15.61
CA ALA A 284 -11.02 -5.22 16.41
C ALA A 284 -11.12 -3.97 17.27
N LEU A 285 -12.34 -3.66 17.68
CA LEU A 285 -12.62 -2.52 18.56
C LEU A 285 -13.39 -3.00 19.77
N LYS A 286 -13.17 -2.32 20.90
CA LYS A 286 -13.91 -2.62 22.12
C LYS A 286 -15.42 -2.55 21.87
N SER A 287 -16.13 -3.50 22.47
CA SER A 287 -17.58 -3.59 22.45
C SER A 287 -17.97 -4.06 23.85
N GLY A 288 -18.49 -3.15 24.66
CA GLY A 288 -18.82 -3.51 26.03
C GLY A 288 -17.59 -4.03 26.74
N ASP A 289 -17.66 -5.26 27.24
CA ASP A 289 -16.55 -5.88 27.94
C ASP A 289 -15.74 -6.82 27.05
N THR A 290 -15.96 -6.77 25.74
CA THR A 290 -15.22 -7.66 24.84
C THR A 290 -14.81 -6.88 23.59
N TYR A 291 -14.66 -7.55 22.45
CA TYR A 291 -14.17 -6.96 21.22
C TYR A 291 -14.96 -7.48 20.04
N LYS A 292 -15.12 -6.64 19.02
CA LYS A 292 -15.71 -7.06 17.76
C LYS A 292 -14.79 -6.74 16.59
N ILE A 293 -14.61 -7.72 15.72
CA ILE A 293 -13.74 -7.59 14.56
C ILE A 293 -14.37 -6.65 13.52
N ILE A 294 -13.61 -5.63 13.12
CA ILE A 294 -14.04 -4.67 12.10
C ILE A 294 -13.38 -4.92 10.76
N ARG A 295 -12.20 -5.54 10.75
CA ARG A 295 -11.49 -5.83 9.50
C ARG A 295 -10.67 -7.09 9.71
N GLU A 296 -10.54 -7.90 8.66
CA GLU A 296 -9.76 -9.13 8.74
C GLU A 296 -9.05 -9.29 7.40
N GLU A 297 -7.72 -9.39 7.43
N GLU A 297 -7.72 -9.40 7.42
CA GLU A 297 -6.90 -9.46 6.22
CA GLU A 297 -6.92 -9.47 6.22
C GLU A 297 -6.15 -10.79 6.17
C GLU A 297 -6.16 -10.78 6.17
N TRP A 298 -5.90 -11.25 4.95
CA TRP A 298 -5.11 -12.46 4.73
C TRP A 298 -4.22 -12.23 3.52
N ALA A 299 -2.94 -12.54 3.67
CA ALA A 299 -2.00 -12.49 2.56
C ALA A 299 -1.28 -13.82 2.47
N PRO A 300 -1.09 -14.37 1.26
CA PRO A 300 -0.49 -15.70 1.16
C PRO A 300 0.96 -15.70 1.65
N PHE A 301 1.37 -16.82 2.21
CA PHE A 301 2.72 -17.00 2.72
C PHE A 301 3.37 -18.20 2.05
N SER A 302 4.62 -18.04 1.63
CA SER A 302 5.37 -19.19 1.17
C SER A 302 6.85 -19.00 1.44
N GLN A 303 7.48 -19.78 1.93
CA GLN A 303 8.90 -20.07 2.02
C GLN A 303 9.52 -20.19 0.63
N GLN A 304 9.00 -21.26 -0.14
CA GLN A 304 9.51 -21.61 -1.46
C GLN A 304 9.55 -20.40 -2.38
N ASP B 24 -5.24 -0.50 -37.34
CA ASP B 24 -5.32 0.78 -38.02
C ASP B 24 -5.21 1.96 -37.04
N LEU B 25 -5.96 1.87 -35.95
CA LEU B 25 -6.06 2.95 -34.97
C LEU B 25 -5.52 2.49 -33.64
N LEU B 26 -5.14 3.46 -32.81
CA LEU B 26 -4.55 3.20 -31.51
C LEU B 26 -5.18 4.10 -30.45
N PRO B 27 -5.24 3.62 -29.21
CA PRO B 27 -5.83 4.41 -28.13
C PRO B 27 -4.96 5.62 -27.80
N ALA B 28 -5.57 6.81 -27.85
CA ALA B 28 -4.83 8.04 -27.67
C ALA B 28 -4.23 8.16 -26.27
N SER B 29 -4.79 7.48 -25.28
N SER B 29 -4.80 7.48 -25.28
CA SER B 29 -4.35 7.68 -23.91
CA SER B 29 -4.37 7.68 -23.91
C SER B 29 -3.22 6.76 -23.48
C SER B 29 -3.20 6.78 -23.50
N LEU B 30 -2.94 5.69 -24.23
CA LEU B 30 -1.81 4.82 -23.95
C LEU B 30 -0.73 5.14 -24.97
N LEU B 31 0.27 5.92 -24.56
N LEU B 31 0.23 5.99 -24.59
CA LEU B 31 1.26 6.40 -25.53
CA LEU B 31 1.26 6.45 -25.55
C LEU B 31 2.49 5.50 -25.64
C LEU B 31 2.49 5.53 -25.65
N GLN B 32 2.88 4.86 -24.57
CA GLN B 32 4.08 4.04 -24.62
C GLN B 32 4.07 3.06 -23.47
N ILE B 33 4.64 1.88 -23.72
CA ILE B 33 4.85 0.87 -22.71
C ILE B 33 6.35 0.79 -22.42
N SER B 34 6.71 0.64 -21.15
CA SER B 34 8.12 0.62 -20.78
C SER B 34 8.85 -0.56 -21.40
N GLU B 35 10.10 -0.33 -21.80
CA GLU B 35 10.98 -1.38 -22.27
C GLU B 35 11.55 -2.22 -21.12
N THR B 36 11.42 -1.75 -19.89
CA THR B 36 12.07 -2.40 -18.75
C THR B 36 11.44 -3.75 -18.47
N GLU B 37 12.26 -4.80 -18.47
CA GLU B 37 11.68 -6.14 -18.43
C GLU B 37 11.20 -6.56 -17.05
N ALA B 38 11.61 -5.86 -15.99
CA ALA B 38 11.01 -6.07 -14.68
C ALA B 38 9.61 -5.49 -14.56
N PHE B 39 9.22 -4.59 -15.47
CA PHE B 39 7.86 -4.06 -15.50
C PHE B 39 7.00 -5.01 -16.34
N SER B 40 5.84 -4.55 -16.79
CA SER B 40 4.95 -5.40 -17.56
C SER B 40 5.03 -5.02 -19.03
N ARG B 41 5.23 -6.01 -19.89
CA ARG B 41 5.20 -5.76 -21.33
C ARG B 41 3.79 -5.58 -21.85
N TYR B 42 2.78 -5.86 -21.03
CA TYR B 42 1.38 -5.77 -21.39
C TYR B 42 0.67 -4.70 -20.57
N VAL B 43 -0.33 -4.08 -21.19
CA VAL B 43 -1.23 -3.14 -20.55
C VAL B 43 -2.66 -3.57 -20.90
N ILE B 44 -3.53 -3.58 -19.91
CA ILE B 44 -4.95 -3.87 -20.09
C ILE B 44 -5.70 -2.55 -20.15
N LEU B 45 -6.51 -2.37 -21.20
CA LEU B 45 -7.30 -1.16 -21.42
C LEU B 45 -8.77 -1.54 -21.41
N VAL B 46 -9.53 -0.98 -20.47
CA VAL B 46 -10.97 -1.21 -20.38
C VAL B 46 -11.68 0.02 -20.93
N ASP B 47 -12.47 -0.18 -21.98
CA ASP B 47 -13.27 0.86 -22.64
C ASP B 47 -14.71 0.64 -22.18
N LYS B 48 -15.16 1.44 -21.21
CA LYS B 48 -16.49 1.19 -20.66
C LYS B 48 -17.59 1.35 -21.71
N GLU B 49 -17.47 2.36 -22.54
CA GLU B 49 -18.45 2.62 -23.62
C GLU B 49 -18.40 1.44 -24.59
N GLN B 50 -17.55 0.86 -24.97
N GLN B 50 -17.55 0.86 -24.97
CA GLN B 50 -17.58 -0.23 -25.92
CA GLN B 50 -17.57 -0.24 -25.92
C GLN B 50 -17.75 -1.60 -25.25
C GLN B 50 -17.74 -1.60 -25.26
N ARG B 51 -17.77 -1.71 -24.16
CA ARG B 51 -17.86 -2.88 -23.25
C ARG B 51 -16.75 -3.86 -23.62
N LYS B 52 -15.53 -3.42 -23.67
CA LYS B 52 -14.45 -4.22 -24.22
C LYS B 52 -13.18 -4.00 -23.41
N LEU B 53 -12.47 -5.07 -23.23
CA LEU B 53 -11.17 -5.04 -22.58
C LEU B 53 -10.14 -5.47 -23.61
N SER B 54 -9.11 -4.65 -23.83
CA SER B 54 -8.09 -4.95 -24.83
C SER B 54 -6.75 -5.12 -24.13
N VAL B 55 -5.89 -5.97 -24.69
CA VAL B 55 -4.52 -6.15 -24.22
C VAL B 55 -3.58 -5.58 -25.27
N PHE B 56 -2.73 -4.65 -24.86
CA PHE B 56 -1.66 -4.09 -25.70
C PHE B 56 -0.30 -4.53 -25.19
N GLU B 57 0.66 -4.61 -26.11
CA GLU B 57 2.02 -5.03 -25.79
C GLU B 57 3.00 -4.04 -26.41
N ARG B 58 4.14 -3.88 -25.75
CA ARG B 58 5.20 -3.08 -26.34
C ARG B 58 5.75 -3.74 -27.60
N ASN B 59 6.10 -2.92 -28.56
CA ASN B 59 6.84 -3.35 -29.75
C ASN B 59 7.89 -2.26 -29.97
N GLY B 60 9.02 -2.42 -29.27
CA GLY B 60 10.00 -1.33 -29.25
C GLY B 60 9.37 -0.09 -28.63
N GLU B 61 9.47 1.03 -29.33
CA GLU B 61 8.85 2.26 -28.89
C GLU B 61 7.35 2.31 -29.19
N GLN B 62 6.83 1.38 -29.96
CA GLN B 62 5.44 1.35 -30.38
C GLN B 62 4.62 0.47 -29.44
N ILE B 63 3.30 0.55 -29.58
CA ILE B 63 2.40 -0.38 -28.92
C ILE B 63 1.62 -1.13 -29.98
N GLN B 64 1.12 -2.31 -29.63
CA GLN B 64 0.26 -3.01 -30.56
C GLN B 64 -0.76 -3.86 -29.81
N LYS B 65 -1.96 -3.93 -30.35
CA LYS B 65 -3.03 -4.69 -29.75
C LYS B 65 -2.79 -6.18 -29.98
N ILE B 66 -2.92 -6.97 -28.92
CA ILE B 66 -2.74 -8.41 -28.99
C ILE B 66 -4.07 -9.15 -29.05
N THR B 67 -5.02 -8.75 -28.21
CA THR B 67 -6.29 -9.44 -28.14
C THR B 67 -7.30 -8.49 -27.50
N GLU B 68 -8.57 -8.88 -27.55
CA GLU B 68 -9.64 -8.15 -26.88
C GLU B 68 -10.69 -9.14 -26.45
N TYR B 69 -11.46 -8.76 -25.42
CA TYR B 69 -12.52 -9.58 -24.89
C TYR B 69 -13.66 -8.69 -24.44
N PRO B 70 -14.88 -9.20 -24.41
CA PRO B 70 -15.97 -8.45 -23.79
C PRO B 70 -15.72 -8.25 -22.30
N ALA B 71 -16.18 -7.12 -21.80
CA ALA B 71 -16.10 -6.80 -20.38
C ALA B 71 -17.18 -5.77 -20.08
N ASP B 72 -17.56 -5.69 -18.81
CA ASP B 72 -18.50 -4.67 -18.38
C ASP B 72 -18.13 -4.24 -16.97
N ILE B 73 -18.84 -3.22 -16.49
CA ILE B 73 -18.58 -2.66 -15.17
C ILE B 73 -19.69 -3.10 -14.24
N GLY B 74 -19.32 -3.58 -13.06
CA GLY B 74 -20.32 -4.00 -12.09
C GLY B 74 -21.21 -2.83 -11.70
N LYS B 75 -22.50 -3.11 -11.53
CA LYS B 75 -23.50 -2.10 -11.25
C LYS B 75 -24.19 -2.31 -9.90
N MET B 76 -23.74 -3.27 -9.11
CA MET B 76 -24.39 -3.57 -7.84
C MET B 76 -23.67 -2.89 -6.67
N LYS B 87 -21.04 8.07 -10.20
CA LYS B 87 -20.52 7.42 -11.39
C LYS B 87 -19.42 6.43 -11.02
N THR B 88 -19.23 5.41 -11.86
CA THR B 88 -18.19 4.44 -11.60
C THR B 88 -16.81 5.06 -11.87
N PRO B 89 -15.79 4.62 -11.14
CA PRO B 89 -14.48 5.26 -11.25
C PRO B 89 -13.80 5.00 -12.59
N GLU B 90 -12.99 5.97 -12.99
CA GLU B 90 -12.08 5.89 -14.10
C GLU B 90 -10.70 6.15 -13.54
N GLY B 91 -9.68 5.53 -14.14
CA GLY B 91 -8.34 5.91 -13.75
C GLY B 91 -7.29 4.95 -14.28
N ILE B 92 -6.08 5.20 -13.79
CA ILE B 92 -4.85 4.56 -14.24
C ILE B 92 -4.33 3.74 -13.08
N TYR B 93 -4.49 2.42 -13.16
CA TYR B 93 -4.23 1.53 -12.04
C TYR B 93 -3.22 0.47 -12.46
N PHE B 94 -2.80 -0.29 -11.45
N PHE B 94 -2.81 -0.33 -11.48
CA PHE B 94 -1.93 -1.46 -11.61
CA PHE B 94 -2.04 -1.51 -11.78
C PHE B 94 -2.59 -2.63 -10.89
C PHE B 94 -2.50 -2.65 -10.88
N LEU B 95 -2.40 -3.85 -11.41
CA LEU B 95 -2.93 -5.04 -10.75
C LEU B 95 -1.94 -5.54 -9.71
N GLN B 96 -2.45 -5.88 -8.52
N GLN B 96 -2.45 -5.86 -8.52
CA GLN B 96 -1.62 -6.13 -7.36
CA GLN B 96 -1.61 -6.16 -7.37
C GLN B 96 -1.60 -7.59 -6.91
C GLN B 96 -1.61 -7.63 -6.98
N GLU B 97 -2.76 -8.17 -6.59
CA GLU B 97 -2.83 -9.53 -6.06
C GLU B 97 -3.80 -10.37 -6.88
N ARG B 98 -3.58 -11.68 -6.85
CA ARG B 98 -4.45 -12.66 -7.49
C ARG B 98 -5.18 -13.46 -6.40
N LEU B 99 -6.51 -13.51 -6.48
CA LEU B 99 -7.36 -14.17 -5.50
C LEU B 99 -8.19 -15.26 -6.15
N SER B 100 -8.49 -16.31 -5.40
N SER B 100 -8.48 -16.31 -5.39
CA SER B 100 -9.34 -17.38 -5.92
CA SER B 100 -9.21 -17.46 -5.89
C SER B 100 -10.03 -18.08 -4.76
C SER B 100 -9.98 -18.12 -4.74
N GLN B 101 -10.73 -19.16 -5.07
CA GLN B 101 -11.35 -19.97 -4.03
C GLN B 101 -10.25 -20.65 -3.22
N PRO B 102 -10.47 -20.86 -1.92
CA PRO B 102 -11.70 -20.60 -1.17
C PRO B 102 -11.74 -19.21 -0.52
N LYS B 103 -10.77 -18.35 -0.80
CA LYS B 103 -10.76 -17.04 -0.16
C LYS B 103 -11.92 -16.18 -0.64
N ILE B 104 -12.27 -16.27 -1.92
CA ILE B 104 -13.36 -15.47 -2.45
C ILE B 104 -14.44 -16.38 -3.05
N PRO B 105 -15.72 -15.99 -2.96
CA PRO B 105 -16.81 -16.85 -3.44
C PRO B 105 -16.91 -16.83 -4.95
N PHE B 106 -17.01 -18.03 -5.53
CA PHE B 106 -17.23 -18.13 -6.98
C PHE B 106 -18.51 -17.44 -7.40
N SER B 107 -19.55 -17.46 -6.54
CA SER B 107 -20.84 -16.89 -6.92
C SER B 107 -20.75 -15.40 -7.20
N LEU B 108 -19.80 -14.71 -6.58
CA LEU B 108 -19.61 -13.28 -6.80
C LEU B 108 -18.45 -12.97 -7.73
N TYR B 109 -17.42 -13.81 -7.78
CA TYR B 109 -16.19 -13.43 -8.42
C TYR B 109 -15.70 -14.40 -9.49
N GLY B 110 -16.42 -15.51 -9.71
CA GLY B 110 -15.88 -16.47 -10.64
C GLY B 110 -14.60 -17.10 -10.08
N ALA B 111 -13.77 -17.61 -10.99
CA ALA B 111 -12.61 -18.40 -10.57
C ALA B 111 -11.44 -17.55 -10.10
N LEU B 112 -11.39 -16.27 -10.45
CA LEU B 112 -10.23 -15.46 -10.18
C LEU B 112 -10.65 -14.00 -10.06
N ALA B 113 -9.98 -13.30 -9.15
CA ALA B 113 -10.05 -11.85 -9.09
C ALA B 113 -8.63 -11.30 -9.00
N PHE B 114 -8.43 -10.13 -9.60
CA PHE B 114 -7.17 -9.42 -9.51
C PHE B 114 -7.45 -8.06 -8.87
N THR B 115 -6.76 -7.77 -7.77
CA THR B 115 -6.98 -6.51 -7.10
C THR B 115 -6.19 -5.39 -7.77
N THR B 116 -6.58 -4.16 -7.47
CA THR B 116 -5.85 -3.00 -7.99
C THR B 116 -5.30 -2.15 -6.85
N ASN B 117 -4.62 -1.07 -7.24
CA ASN B 117 -4.13 -0.10 -6.27
C ASN B 117 -5.10 1.06 -6.06
N TYR B 118 -6.35 0.92 -6.46
CA TYR B 118 -7.35 1.94 -6.17
C TYR B 118 -7.55 2.04 -4.65
N PRO B 119 -7.59 3.25 -4.08
CA PRO B 119 -7.43 4.55 -4.75
C PRO B 119 -5.96 4.92 -5.01
N ASN B 120 -5.67 5.39 -6.22
CA ASN B 120 -4.31 5.82 -6.53
C ASN B 120 -4.08 7.25 -6.03
N LEU B 121 -2.88 7.78 -6.31
CA LEU B 121 -2.55 9.10 -5.78
C LEU B 121 -3.45 10.20 -6.34
N PHE B 122 -3.89 10.08 -7.59
CA PHE B 122 -4.85 11.05 -8.10
C PHE B 122 -6.17 10.95 -7.34
N ASP B 123 -6.61 9.73 -7.04
CA ASP B 123 -7.85 9.52 -6.31
C ASP B 123 -7.74 10.06 -4.90
N LYS B 124 -6.63 9.76 -4.21
CA LYS B 124 -6.46 10.21 -2.83
C LYS B 124 -6.40 11.73 -2.74
N ARG B 125 -5.81 12.37 -3.76
CA ARG B 125 -5.72 13.83 -3.77
C ARG B 125 -7.09 14.46 -3.55
N GLU B 126 -8.14 13.79 -4.00
CA GLU B 126 -9.52 14.24 -3.85
C GLU B 126 -10.32 13.38 -2.88
N ASN B 127 -9.64 12.66 -1.98
CA ASN B 127 -10.29 11.93 -0.90
C ASN B 127 -11.30 10.89 -1.39
N LYS B 128 -10.97 10.21 -2.49
N LYS B 128 -10.96 10.19 -2.48
CA LYS B 128 -11.81 9.13 -2.99
CA LYS B 128 -11.82 9.14 -2.99
C LYS B 128 -11.54 7.85 -2.22
C LYS B 128 -11.55 7.82 -2.26
N THR B 129 -12.63 7.17 -1.81
CA THR B 129 -12.51 5.88 -1.14
C THR B 129 -13.57 4.94 -1.69
N GLY B 130 -14.02 3.99 -0.88
CA GLY B 130 -15.05 3.07 -1.31
C GLY B 130 -14.56 1.64 -1.30
N SER B 131 -15.40 0.75 -1.83
CA SER B 131 -15.15 -0.68 -1.71
C SER B 131 -13.89 -1.12 -2.45
N GLY B 132 -13.54 -0.45 -3.53
CA GLY B 132 -12.36 -0.79 -4.30
C GLY B 132 -12.69 -1.27 -5.70
N ILE B 133 -11.64 -1.44 -6.50
CA ILE B 133 -11.76 -1.87 -7.87
C ILE B 133 -10.98 -3.16 -8.03
N TRP B 134 -11.66 -4.22 -8.47
CA TRP B 134 -11.05 -5.48 -8.87
C TRP B 134 -11.41 -5.74 -10.33
N LEU B 135 -10.58 -6.56 -10.96
CA LEU B 135 -10.91 -7.23 -12.21
C LEU B 135 -11.27 -8.67 -11.85
N HIS B 136 -12.49 -9.11 -12.17
CA HIS B 136 -12.91 -10.43 -11.70
C HIS B 136 -13.92 -11.03 -12.70
N ALA B 137 -14.35 -12.25 -12.42
CA ALA B 137 -15.32 -12.94 -13.25
C ALA B 137 -16.61 -13.14 -12.46
N ILE B 138 -17.45 -14.07 -12.91
CA ILE B 138 -18.79 -14.22 -12.35
C ILE B 138 -19.34 -15.51 -12.97
N PRO B 139 -20.35 -16.15 -12.39
CA PRO B 139 -20.85 -17.38 -13.02
C PRO B 139 -21.44 -17.11 -14.39
N ASP B 140 -21.39 -18.14 -15.24
CA ASP B 140 -21.90 -18.01 -16.61
C ASP B 140 -23.37 -17.61 -16.64
N SER B 141 -24.14 -17.98 -15.62
CA SER B 141 -25.56 -17.69 -15.61
C SER B 141 -25.89 -16.27 -15.22
N VAL B 142 -24.89 -15.47 -14.86
CA VAL B 142 -25.08 -14.15 -14.26
C VAL B 142 -24.57 -13.10 -15.24
N PRO B 143 -25.31 -12.00 -15.45
CA PRO B 143 -24.78 -10.91 -16.29
C PRO B 143 -23.54 -10.28 -15.68
N LEU B 144 -22.65 -9.81 -16.55
CA LEU B 144 -21.44 -9.17 -16.06
C LEU B 144 -21.76 -7.93 -15.23
N THR B 145 -22.86 -7.23 -15.53
CA THR B 145 -23.21 -6.03 -14.79
C THR B 145 -23.66 -6.32 -13.35
N ARG B 146 -23.86 -7.59 -13.00
CA ARG B 146 -24.23 -7.91 -11.64
C ARG B 146 -23.02 -7.94 -10.70
N GLY B 147 -21.82 -7.65 -11.20
CA GLY B 147 -20.68 -7.50 -10.33
C GLY B 147 -20.79 -6.28 -9.43
N SER B 148 -19.88 -6.19 -8.48
CA SER B 148 -19.93 -5.05 -7.56
C SER B 148 -19.56 -3.77 -8.28
N ARG B 149 -20.17 -2.67 -7.82
CA ARG B 149 -20.06 -1.37 -8.47
C ARG B 149 -18.62 -0.99 -8.76
N GLY B 150 -18.37 -0.63 -10.02
CA GLY B 150 -17.07 -0.14 -10.45
C GLY B 150 -16.03 -1.20 -10.75
N CYS B 151 -16.27 -2.47 -10.40
CA CYS B 151 -15.36 -3.56 -10.75
C CYS B 151 -15.45 -3.83 -12.24
N VAL B 152 -14.35 -4.29 -12.81
CA VAL B 152 -14.33 -4.77 -14.19
C VAL B 152 -14.64 -6.26 -14.19
N VAL B 153 -15.70 -6.66 -14.88
CA VAL B 153 -16.19 -8.04 -14.85
C VAL B 153 -16.09 -8.64 -16.24
N VAL B 154 -15.54 -9.86 -16.32
CA VAL B 154 -15.43 -10.63 -17.55
C VAL B 154 -15.94 -12.05 -17.29
N ARG B 155 -16.06 -12.83 -18.36
CA ARG B 155 -16.52 -14.20 -18.25
C ARG B 155 -15.44 -15.07 -17.61
N ASN B 156 -15.87 -16.18 -17.03
N ASN B 156 -15.87 -16.17 -17.02
CA ASN B 156 -14.93 -17.05 -16.31
CA ASN B 156 -14.93 -17.06 -16.32
C ASN B 156 -13.85 -17.58 -17.25
C ASN B 156 -13.84 -17.54 -17.27
N ASP B 157 -14.21 -17.97 -18.48
CA ASP B 157 -13.19 -18.45 -19.41
C ASP B 157 -12.22 -17.34 -19.78
N VAL B 158 -12.69 -16.10 -19.86
CA VAL B 158 -11.86 -14.96 -20.21
C VAL B 158 -10.85 -14.64 -19.11
N ILE B 159 -11.28 -14.65 -17.84
CA ILE B 159 -10.33 -14.27 -16.79
C ILE B 159 -9.18 -15.26 -16.73
N LYS B 160 -9.43 -16.54 -17.03
CA LYS B 160 -8.35 -17.51 -16.99
C LYS B 160 -7.33 -17.26 -18.09
N LYS B 161 -7.75 -16.77 -19.24
CA LYS B 161 -6.80 -16.39 -20.28
C LYS B 161 -6.08 -15.08 -19.93
N LEU B 162 -6.81 -14.09 -19.42
CA LEU B 162 -6.19 -12.83 -19.04
C LEU B 162 -5.09 -13.03 -18.00
N ALA B 163 -5.25 -14.00 -17.11
CA ALA B 163 -4.24 -14.27 -16.08
C ALA B 163 -2.85 -14.44 -16.68
N ASP B 164 -2.77 -15.01 -17.89
CA ASP B 164 -1.47 -15.24 -18.53
C ASP B 164 -0.76 -13.94 -18.90
N TYR B 165 -1.48 -12.84 -19.07
CA TYR B 165 -0.86 -11.57 -19.43
C TYR B 165 -0.45 -10.74 -18.22
N ILE B 166 -0.89 -11.11 -17.02
CA ILE B 166 -0.77 -10.23 -15.86
C ILE B 166 0.47 -10.58 -15.07
N LYS B 167 1.34 -9.58 -14.90
CA LYS B 167 2.46 -9.67 -13.97
C LYS B 167 2.04 -8.92 -12.70
N LEU B 168 1.91 -9.65 -11.60
CA LEU B 168 1.39 -9.06 -10.38
C LEU B 168 2.30 -7.95 -9.88
N GLY B 169 1.69 -6.84 -9.46
CA GLY B 169 2.43 -5.67 -9.03
C GLY B 169 2.91 -4.77 -10.14
N GLU B 170 2.77 -5.19 -11.40
CA GLU B 170 3.36 -4.49 -12.54
C GLU B 170 2.37 -4.13 -13.64
N THR B 171 1.45 -5.02 -13.98
CA THR B 171 0.65 -4.81 -15.20
C THR B 171 -0.37 -3.71 -14.99
N PRO B 172 -0.34 -2.64 -15.79
CA PRO B 172 -1.37 -1.60 -15.68
C PRO B 172 -2.73 -2.09 -16.13
N ILE B 173 -3.77 -1.57 -15.48
CA ILE B 173 -5.13 -1.66 -15.98
C ILE B 173 -5.69 -0.24 -16.03
N LEU B 174 -6.03 0.21 -17.24
CA LEU B 174 -6.57 1.53 -17.50
C LEU B 174 -8.07 1.40 -17.69
N ILE B 175 -8.84 2.15 -16.91
CA ILE B 175 -10.29 1.99 -16.88
C ILE B 175 -10.86 3.35 -17.26
N PHE B 176 -11.36 3.47 -18.50
CA PHE B 176 -11.75 4.76 -19.06
C PHE B 176 -13.19 4.73 -19.54
N ASP B 177 -13.93 5.81 -19.27
CA ASP B 177 -15.29 5.90 -19.79
C ASP B 177 -15.30 5.99 -21.31
N HIS B 178 -14.39 6.79 -21.87
CA HIS B 178 -14.36 7.04 -23.31
C HIS B 178 -12.93 6.86 -23.79
N VAL B 179 -12.74 6.09 -24.85
CA VAL B 179 -11.44 5.86 -25.46
C VAL B 179 -11.47 6.45 -26.87
N ASN B 180 -10.61 7.44 -27.11
CA ASN B 180 -10.46 8.05 -28.43
C ASN B 180 -9.40 7.26 -29.19
N TYR B 181 -9.78 6.70 -30.33
CA TYR B 181 -8.85 5.98 -31.17
C TYR B 181 -8.37 6.90 -32.30
N VAL B 182 -7.04 6.97 -32.48
CA VAL B 182 -6.44 7.87 -33.44
C VAL B 182 -5.55 7.08 -34.40
N SER B 183 -5.22 7.73 -35.52
CA SER B 183 -4.34 7.11 -36.49
C SER B 183 -2.96 6.87 -35.88
N LYS B 184 -2.20 5.97 -36.50
CA LYS B 184 -0.85 5.71 -36.05
C LYS B 184 0.00 6.97 -36.12
N SER B 185 -0.15 7.76 -37.18
N SER B 185 -0.17 7.78 -37.16
CA SER B 185 0.59 9.01 -37.31
CA SER B 185 0.62 9.00 -37.27
C SER B 185 0.26 9.96 -36.16
C SER B 185 0.26 10.00 -36.19
N GLU B 186 -1.04 10.16 -35.89
CA GLU B 186 -1.44 11.02 -34.80
C GLU B 186 -0.95 10.48 -33.46
N HIS B 187 -1.01 9.16 -33.29
CA HIS B 187 -0.55 8.55 -32.04
C HIS B 187 0.94 8.81 -31.83
N ASP B 188 1.75 8.57 -32.87
CA ASP B 188 3.18 8.86 -32.82
C ASP B 188 3.43 10.31 -32.42
N LYS B 189 2.67 11.25 -32.99
CA LYS B 189 2.87 12.65 -32.66
C LYS B 189 2.60 12.91 -31.19
N ARG B 190 1.49 12.40 -30.66
CA ARG B 190 1.19 12.59 -29.25
C ARG B 190 2.26 11.95 -28.38
N ARG B 191 2.73 10.76 -28.74
N ARG B 191 2.75 10.77 -28.77
CA ARG B 191 3.78 10.13 -27.97
CA ARG B 191 3.78 10.09 -28.01
C ARG B 191 5.02 11.01 -27.97
C ARG B 191 5.07 10.89 -28.00
N GLN B 192 5.42 11.50 -29.14
CA GLN B 192 6.63 12.31 -29.21
C GLN B 192 6.48 13.60 -28.41
N ASP B 193 5.28 14.20 -28.43
CA ASP B 193 5.04 15.40 -27.64
C ASP B 193 5.30 15.14 -26.15
N LEU B 194 4.79 14.01 -25.65
CA LEU B 194 4.96 13.72 -24.23
C LEU B 194 6.39 13.24 -23.95
N SER B 195 7.02 12.55 -24.90
CA SER B 195 8.42 12.19 -24.75
C SER B 195 9.28 13.44 -24.63
N ARG B 196 8.95 14.48 -25.41
CA ARG B 196 9.73 15.72 -25.32
C ARG B 196 9.51 16.42 -23.99
N PHE B 197 8.29 16.35 -23.44
CA PHE B 197 8.04 16.90 -22.11
C PHE B 197 8.91 16.19 -21.06
N VAL B 198 8.90 14.86 -21.07
CA VAL B 198 9.70 14.10 -20.12
C VAL B 198 11.18 14.41 -20.29
N GLU B 199 11.64 14.52 -21.54
CA GLU B 199 13.05 14.80 -21.77
C GLU B 199 13.44 16.19 -21.31
N SER B 200 12.57 17.17 -21.51
CA SER B 200 12.89 18.53 -21.07
C SER B 200 12.98 18.60 -19.55
N TRP B 201 12.14 17.82 -18.86
CA TRP B 201 12.22 17.69 -17.42
C TRP B 201 13.51 17.02 -17.00
N ARG B 202 13.82 15.86 -17.60
CA ARG B 202 15.05 15.15 -17.28
C ARG B 202 16.28 16.03 -17.51
N GLN B 203 16.31 16.75 -18.63
CA GLN B 203 17.46 17.59 -18.94
C GLN B 203 17.64 18.68 -17.89
N ALA B 204 16.55 19.35 -17.52
CA ALA B 204 16.65 20.41 -16.53
C ALA B 204 17.12 19.85 -15.19
N TRP B 205 16.64 18.66 -14.82
CA TRP B 205 17.12 18.03 -13.60
C TRP B 205 18.60 17.69 -13.70
N GLU B 206 19.00 16.99 -14.76
CA GLU B 206 20.40 16.60 -14.92
C GLU B 206 21.31 17.82 -14.97
N ASN B 207 20.90 18.87 -15.68
CA ASN B 207 21.69 20.10 -15.69
C ASN B 207 21.69 20.78 -14.34
N GLN B 208 20.83 20.36 -13.42
CA GLN B 208 20.63 21.04 -12.15
C GLN B 208 20.32 22.51 -12.36
N ASP B 209 19.52 22.77 -13.39
CA ASP B 209 19.05 24.10 -13.76
C ASP B 209 17.77 24.33 -12.96
N ILE B 210 17.96 24.73 -11.70
CA ILE B 210 16.85 24.81 -10.75
C ILE B 210 15.74 25.70 -11.27
N GLU B 211 16.10 26.85 -11.86
CA GLU B 211 15.09 27.77 -12.36
C GLU B 211 14.17 27.10 -13.38
N LYS B 212 14.76 26.35 -14.31
CA LYS B 212 13.96 25.66 -15.30
C LYS B 212 13.24 24.45 -14.69
N TYR B 213 13.96 23.68 -13.87
CA TYR B 213 13.38 22.48 -13.27
C TYR B 213 12.13 22.79 -12.48
N GLN B 214 12.16 23.89 -11.71
CA GLN B 214 11.03 24.26 -10.87
C GLN B 214 9.74 24.39 -11.66
N THR B 215 9.82 24.87 -12.90
CA THR B 215 8.61 25.14 -13.66
C THR B 215 7.83 23.89 -14.01
N PHE B 216 8.43 22.71 -13.88
CA PHE B 216 7.73 21.46 -14.15
C PHE B 216 6.84 21.02 -13.00
N TYR B 217 6.88 21.69 -11.86
CA TYR B 217 6.22 21.24 -10.64
C TYR B 217 5.10 22.18 -10.22
N ASP B 218 3.99 21.60 -9.78
CA ASP B 218 2.89 22.36 -9.22
C ASP B 218 3.23 22.81 -7.81
N GLU B 219 2.80 24.02 -7.44
CA GLU B 219 3.10 24.49 -6.09
C GLU B 219 2.47 23.62 -5.01
N GLY B 220 1.48 22.81 -5.35
CA GLY B 220 0.90 21.87 -4.41
C GLY B 220 1.55 20.51 -4.41
N PHE B 221 2.71 20.39 -5.07
CA PHE B 221 3.44 19.13 -5.15
C PHE B 221 3.64 18.54 -3.76
N LYS B 222 3.56 17.21 -3.70
CA LYS B 222 3.89 16.44 -2.52
C LYS B 222 4.63 15.18 -2.93
N ALA B 223 5.56 14.78 -2.06
CA ALA B 223 6.18 13.46 -2.13
C ALA B 223 6.43 13.05 -0.69
N PRO B 224 6.65 11.76 -0.44
CA PRO B 224 6.90 11.37 0.96
C PRO B 224 8.05 12.19 1.54
N GLY B 225 7.78 12.98 2.58
CA GLY B 225 8.80 13.79 3.19
C GLY B 225 8.94 15.20 2.66
N PHE B 226 8.17 15.58 1.62
CA PHE B 226 8.42 16.82 0.93
C PHE B 226 7.14 17.56 0.57
N ASN B 227 7.25 18.88 0.51
CA ASN B 227 6.35 19.74 -0.26
C ASN B 227 7.19 20.43 -1.34
N TYR B 228 6.56 21.32 -2.10
CA TYR B 228 7.27 22.02 -3.17
C TYR B 228 8.51 22.72 -2.62
N LYS B 229 8.37 23.43 -1.49
CA LYS B 229 9.49 24.22 -0.98
C LYS B 229 10.65 23.35 -0.54
N SER B 230 10.37 22.30 0.26
CA SER B 230 11.45 21.47 0.74
C SER B 230 12.06 20.63 -0.38
N TRP B 231 11.26 20.25 -1.37
CA TRP B 231 11.79 19.54 -2.53
C TRP B 231 12.80 20.40 -3.28
N MET B 232 12.42 21.64 -3.59
CA MET B 232 13.33 22.53 -4.31
C MET B 232 14.55 22.89 -3.45
N SER B 233 14.34 23.12 -2.16
N SER B 233 14.34 23.12 -2.16
CA SER B 233 15.46 23.41 -1.27
CA SER B 233 15.48 23.41 -1.29
C SER B 233 16.45 22.25 -1.26
C SER B 233 16.46 22.24 -1.28
N HIS B 234 15.97 21.01 -1.20
CA HIS B 234 16.86 19.86 -1.21
C HIS B 234 17.60 19.75 -2.54
N LYS B 235 16.91 20.00 -3.66
CA LYS B 235 17.59 19.91 -4.94
C LYS B 235 18.72 20.94 -5.03
N LYS B 236 18.49 22.14 -4.49
CA LYS B 236 19.52 23.18 -4.52
C LYS B 236 20.69 22.83 -3.62
N ASN B 237 20.41 22.26 -2.44
CA ASN B 237 21.47 21.84 -1.54
C ASN B 237 22.30 20.71 -2.15
N LEU B 238 21.63 19.75 -2.81
CA LEU B 238 22.38 18.69 -3.46
C LEU B 238 23.34 19.25 -4.49
N LYS B 239 22.89 20.24 -5.28
CA LYS B 239 23.77 20.85 -6.28
C LYS B 239 24.99 21.49 -5.63
N SER B 240 24.81 22.04 -4.42
CA SER B 240 25.92 22.66 -3.71
C SER B 240 26.96 21.65 -3.26
N LYS B 241 26.59 20.37 -3.14
CA LYS B 241 27.48 19.32 -2.67
C LYS B 241 28.02 18.46 -3.80
N TYR B 242 27.21 18.23 -4.84
CA TYR B 242 27.56 17.36 -5.96
C TYR B 242 27.28 18.14 -7.24
N GLU B 243 28.34 18.72 -7.80
CA GLU B 243 28.15 19.67 -8.89
C GLU B 243 27.63 19.01 -10.15
N TYR B 244 28.06 17.79 -10.43
CA TYR B 244 27.75 17.12 -11.68
C TYR B 244 27.03 15.80 -11.39
N ILE B 245 25.85 15.63 -12.00
CA ILE B 245 25.07 14.41 -11.91
C ILE B 245 24.66 13.97 -13.30
N LYS B 246 24.26 12.70 -13.39
CA LYS B 246 23.72 12.13 -14.62
C LYS B 246 22.42 11.44 -14.28
N VAL B 247 21.39 11.66 -15.09
CA VAL B 247 20.09 11.05 -14.91
C VAL B 247 19.72 10.35 -16.20
N HIS B 248 19.57 9.04 -16.14
CA HIS B 248 19.13 8.26 -17.29
C HIS B 248 17.78 7.61 -17.01
N LEU B 249 16.88 7.70 -17.97
CA LEU B 249 15.55 7.12 -17.85
C LEU B 249 15.37 6.08 -18.95
N SER B 250 14.95 4.88 -18.55
N SER B 250 14.97 4.87 -18.56
CA SER B 250 14.57 3.87 -19.51
CA SER B 250 14.65 3.88 -19.56
C SER B 250 13.34 4.32 -20.29
C SER B 250 13.32 4.23 -20.22
N GLN B 251 13.11 3.68 -21.42
CA GLN B 251 11.91 3.97 -22.18
C GLN B 251 10.70 3.77 -21.27
N PRO B 252 9.87 4.79 -21.07
CA PRO B 252 8.86 4.74 -20.01
C PRO B 252 7.49 4.24 -20.45
N TYR B 253 6.71 3.91 -19.45
N TYR B 253 6.72 3.82 -19.44
CA TYR B 253 5.27 3.79 -19.62
CA TYR B 253 5.27 3.83 -19.58
C TYR B 253 4.69 5.19 -19.52
C TYR B 253 4.84 5.29 -19.63
N ILE B 254 3.94 5.61 -20.56
CA ILE B 254 3.34 6.94 -20.64
C ILE B 254 1.85 6.77 -20.86
N VAL B 255 1.05 7.28 -19.93
CA VAL B 255 -0.40 7.27 -20.03
C VAL B 255 -0.88 8.69 -19.80
N GLN B 256 -1.75 9.18 -20.67
CA GLN B 256 -2.26 10.54 -20.58
C GLN B 256 -3.74 10.49 -20.90
N HIS B 257 -4.59 10.63 -19.89
CA HIS B 257 -6.03 10.58 -20.11
C HIS B 257 -6.68 11.77 -19.41
N ASN B 258 -7.40 12.57 -20.18
CA ASN B 258 -8.05 13.77 -19.62
C ASN B 258 -6.98 14.65 -18.95
N ASP B 259 -7.15 14.99 -17.67
CA ASP B 259 -6.20 15.91 -17.02
C ASP B 259 -4.94 15.18 -16.55
N GLN B 260 -4.94 13.85 -16.57
CA GLN B 260 -3.92 13.10 -15.86
C GLN B 260 -2.80 12.68 -16.79
N LEU B 261 -1.57 12.73 -16.28
CA LEU B 261 -0.39 12.20 -16.95
C LEU B 261 0.36 11.34 -15.94
N LEU B 262 0.67 10.12 -16.31
CA LEU B 262 1.44 9.21 -15.48
C LEU B 262 2.61 8.71 -16.31
N VAL B 263 3.82 8.82 -15.76
CA VAL B 263 5.03 8.34 -16.42
C VAL B 263 5.75 7.45 -15.42
N LYS B 264 6.12 6.24 -15.85
CA LYS B 264 6.84 5.30 -14.99
C LYS B 264 8.07 4.78 -15.73
N THR B 265 9.23 4.83 -15.08
CA THR B 265 10.49 4.52 -15.75
C THR B 265 11.48 3.95 -14.76
N LEU B 266 12.45 3.21 -15.29
CA LEU B 266 13.63 2.81 -14.52
C LEU B 266 14.68 3.92 -14.62
N GLN B 267 15.03 4.49 -13.48
CA GLN B 267 15.87 5.68 -13.43
C GLN B 267 17.26 5.32 -12.89
N ARG B 268 18.29 5.76 -13.59
CA ARG B 268 19.67 5.63 -13.15
C ARG B 268 20.16 7.01 -12.71
N TYR B 269 20.56 7.13 -11.45
CA TYR B 269 21.04 8.39 -10.87
C TYR B 269 22.50 8.21 -10.50
N GLU B 270 23.36 9.03 -11.08
CA GLU B 270 24.81 8.99 -10.88
C GLU B 270 25.26 10.33 -10.30
N SER B 271 25.92 10.30 -9.15
CA SER B 271 26.33 11.50 -8.45
C SER B 271 27.41 11.14 -7.45
N ASP B 272 28.51 11.89 -7.46
CA ASP B 272 29.61 11.69 -6.51
C ASP B 272 30.21 10.29 -6.61
N LYS B 273 30.43 9.82 -7.84
CA LYS B 273 30.95 8.49 -8.10
C LYS B 273 30.10 7.39 -7.46
N HIS B 274 28.88 7.73 -7.04
CA HIS B 274 27.93 6.76 -6.51
C HIS B 274 26.72 6.71 -7.43
N VAL B 275 26.06 5.55 -7.43
CA VAL B 275 24.97 5.29 -8.36
C VAL B 275 23.82 4.63 -7.60
N ASP B 276 22.61 4.87 -8.08
CA ASP B 276 21.46 4.10 -7.62
C ASP B 276 20.46 3.95 -8.77
N TYR B 277 19.83 2.79 -8.81
CA TYR B 277 18.76 2.49 -9.76
C TYR B 277 17.46 2.42 -8.98
N GLY B 278 16.39 2.97 -9.56
CA GLY B 278 15.12 2.95 -8.87
C GLY B 278 13.97 3.08 -9.84
N VAL B 279 12.78 2.74 -9.35
CA VAL B 279 11.54 2.89 -10.11
C VAL B 279 11.00 4.29 -9.83
N LYS B 280 10.87 5.10 -10.87
CA LYS B 280 10.45 6.49 -10.75
C LYS B 280 9.08 6.63 -11.40
N THR B 281 8.11 7.13 -10.63
CA THR B 281 6.76 7.40 -11.15
C THR B 281 6.45 8.86 -10.92
N ILE B 282 6.10 9.57 -11.98
CA ILE B 282 5.63 10.95 -11.86
C ILE B 282 4.15 11.00 -12.19
N TYR B 283 3.42 11.80 -11.41
CA TYR B 283 2.00 12.06 -11.58
C TYR B 283 1.88 13.55 -11.87
N ALA B 284 1.21 13.90 -12.97
CA ALA B 284 1.09 15.30 -13.35
C ALA B 284 -0.34 15.58 -13.78
N LEU B 285 -0.71 16.86 -13.74
CA LEU B 285 -2.01 17.33 -14.18
C LEU B 285 -1.82 18.42 -15.22
N LYS B 286 -2.76 18.48 -16.18
CA LYS B 286 -2.74 19.51 -17.19
C LYS B 286 -2.70 20.90 -16.56
N SER B 287 -1.88 21.75 -17.17
CA SER B 287 -1.61 23.12 -16.75
C SER B 287 -1.51 23.92 -18.03
N GLY B 288 -2.53 24.71 -18.33
CA GLY B 288 -2.57 25.39 -19.61
C GLY B 288 -2.29 24.46 -20.78
N ASP B 289 -1.24 24.74 -21.54
CA ASP B 289 -0.88 23.93 -22.70
C ASP B 289 0.10 22.82 -22.35
N THR B 290 0.42 22.65 -21.07
CA THR B 290 1.40 21.64 -20.69
C THR B 290 0.94 20.94 -19.40
N TYR B 291 1.88 20.45 -18.61
CA TYR B 291 1.56 19.68 -17.42
C TYR B 291 2.45 20.15 -16.28
N LYS B 292 1.96 19.99 -15.05
CA LYS B 292 2.74 20.25 -13.85
C LYS B 292 2.70 19.02 -12.93
N ILE B 293 3.87 18.63 -12.45
CA ILE B 293 4.02 17.44 -11.61
C ILE B 293 3.43 17.72 -10.23
N ILE B 294 2.52 16.84 -9.80
CA ILE B 294 1.92 16.95 -8.47
C ILE B 294 2.45 15.93 -7.47
N ARG B 295 2.96 14.79 -7.93
CA ARG B 295 3.55 13.79 -7.05
C ARG B 295 4.69 13.12 -7.78
N GLU B 296 5.73 12.73 -7.03
CA GLU B 296 6.88 12.04 -7.60
C GLU B 296 7.32 10.97 -6.61
N GLU B 297 7.38 9.72 -7.08
CA GLU B 297 7.72 8.57 -6.25
C GLU B 297 8.99 7.91 -6.76
N TRP B 298 9.76 7.34 -5.82
CA TRP B 298 10.96 6.58 -6.13
C TRP B 298 11.00 5.37 -5.22
N ALA B 299 11.28 4.20 -5.79
CA ALA B 299 11.49 2.99 -5.01
C ALA B 299 12.77 2.32 -5.47
N PRO B 300 13.58 1.81 -4.54
CA PRO B 300 14.82 1.14 -4.94
C PRO B 300 14.54 -0.05 -5.85
N PHE B 301 15.43 -0.27 -6.81
CA PHE B 301 15.24 -1.34 -7.78
C PHE B 301 16.27 -2.44 -7.56
BR BR C . 0.95 0.60 27.30
BR BR D . -8.64 -16.48 5.63
S SCN E . 6.05 12.68 6.23
C SCN E . 7.26 13.71 6.76
N SCN E . 8.10 14.39 7.13
BR BR F . -10.32 -3.93 4.42
C1 EDO G . 22.17 20.27 9.43
O1 EDO G . 22.25 20.04 8.02
C2 EDO G . 22.07 21.77 9.66
O2 EDO G . 20.82 22.21 9.14
C1 EDO H . 22.03 15.38 0.81
O1 EDO H . 23.14 14.51 0.65
C2 EDO H . 21.81 15.64 2.29
O2 EDO H . 21.01 16.79 2.50
C1 PEG I . -16.94 -20.46 -2.48
O1 PEG I . -16.98 -20.55 -3.88
C2 PEG I . -15.53 -20.78 -2.00
O2 PEG I . -15.05 -21.89 -2.68
C3 PEG I . -14.54 -22.91 -1.87
C4 PEG I . -13.86 -23.91 -2.79
O4 PEG I . -12.83 -24.57 -2.09
BR BR J . 22.96 12.63 21.42
C1 EDO K . 5.20 -13.16 4.47
O1 EDO K . 6.55 -13.60 4.29
C2 EDO K . 5.17 -12.17 5.62
O2 EDO K . 5.97 -11.03 5.29
C1 EDO L . -17.50 -0.98 18.73
O1 EDO L . -18.01 -0.08 17.73
C2 EDO L . -17.24 -2.35 18.10
O2 EDO L . -18.48 -3.02 17.83
C1 EDO M . -11.69 -19.07 3.29
O1 EDO M . -11.59 -17.69 3.67
C2 EDO M . -11.78 -19.91 4.55
O2 EDO M . -12.88 -19.40 5.32
BR BR N . 14.63 10.39 -6.98
BR BR O . -14.89 -5.52 -4.45
BR BR P . -23.70 -10.59 -19.77
C1 EDO Q . -19.62 -7.20 -22.59
O1 EDO Q . -19.22 -6.75 -23.89
C2 EDO Q . -20.99 -7.87 -22.68
O2 EDO Q . -21.93 -6.93 -23.20
BR BR R . -8.06 6.95 -24.90
BR BR S . 10.16 -3.91 -9.71
BR BR T . -15.18 2.19 -5.63
BR BR U . 1.15 -14.75 -23.06
C1 EDO V . -12.51 -17.15 -24.34
O1 EDO V . -12.48 -16.10 -25.30
C2 EDO V . -11.18 -17.20 -23.58
O2 EDO V . -10.69 -18.54 -23.60
BR BR W . 2.90 11.38 -2.02
C1 EDO X . 6.18 26.25 -9.76
O1 EDO X . 7.26 26.99 -10.34
C2 EDO X . 5.06 26.09 -10.78
O2 EDO X . 5.63 25.74 -12.04
BR BR Y . 3.48 19.26 -23.05
BR BR Z . -17.53 -4.04 -28.01
BR BR AA . -1.58 -14.16 -12.70
BR BR BA . -7.41 19.61 -4.02
BR BR CA . -20.12 -20.82 -14.24
BR BR DA . 16.13 30.27 -10.71
BR BR EA . 15.46 -1.03 -18.54
#